data_2P7A
#
_entry.id   2P7A
#
_cell.length_a   64.279
_cell.length_b   64.279
_cell.length_c   137.178
_cell.angle_alpha   90.000
_cell.angle_beta   90.000
_cell.angle_gamma   90.000
#
_symmetry.space_group_name_H-M   'P 41 21 2'
#
loop_
_entity.id
_entity.type
_entity.pdbx_description
1 polymer 'Estrogen-related receptor gamma'
2 non-polymer 4-CHLORO-3-METHYLPHENOL
3 water water
#
_entity_poly.entity_id   1
_entity_poly.type   'polypeptide(L)'
_entity_poly.pdbx_seq_one_letter_code
;MGSSHHHHHHSSGLVPRGSHMPAKKPYNKIVSHLLVAEPEKIYAMPDPTVPDSDIKALTTLCDLADRELVVIIGWAKHIP
GFSTLSLADQMSLLQSAWMEILILGVVYRSLSFEDELVYADDYIMDEDQSKLAGLLDLNNAILQLVKKYKSMKLEKEEFV
TLKAIALANSDSMHIEDVEAVQKLQDVLHEALQDYEAGQHMEDPRRAGKMLMTLPLLRQTSTKAVQHFYNIKLEGKVPMH
KLFLEMLEAKV
;
_entity_poly.pdbx_strand_id   A
#
# COMPACT_ATOMS: atom_id res chain seq x y z
N TYR A 27 -19.75 -10.64 -10.38
CA TYR A 27 -18.89 -9.70 -11.16
C TYR A 27 -17.53 -10.29 -11.50
N ASN A 28 -16.69 -9.50 -12.14
CA ASN A 28 -15.35 -9.91 -12.58
C ASN A 28 -14.68 -10.94 -11.68
N LYS A 29 -14.15 -11.99 -12.29
CA LYS A 29 -13.50 -13.07 -11.56
C LYS A 29 -12.20 -12.65 -10.89
N ILE A 30 -11.38 -11.86 -11.58
CA ILE A 30 -10.12 -11.41 -11.00
C ILE A 30 -10.37 -10.61 -9.71
N VAL A 31 -11.32 -9.70 -9.75
CA VAL A 31 -11.64 -8.91 -8.58
C VAL A 31 -12.04 -9.81 -7.40
N SER A 32 -12.88 -10.80 -7.66
CA SER A 32 -13.32 -11.70 -6.61
C SER A 32 -12.19 -12.62 -6.15
N HIS A 33 -11.26 -12.93 -7.06
CA HIS A 33 -10.13 -13.75 -6.72
C HIS A 33 -9.23 -12.96 -5.78
N LEU A 34 -9.07 -11.67 -6.07
CA LEU A 34 -8.24 -10.81 -5.22
C LEU A 34 -8.89 -10.68 -3.83
N LEU A 35 -10.21 -10.59 -3.80
CA LEU A 35 -10.93 -10.49 -2.53
C LEU A 35 -10.65 -11.67 -1.62
N VAL A 36 -10.77 -12.90 -2.14
CA VAL A 36 -10.51 -14.08 -1.29
C VAL A 36 -9.03 -14.24 -0.97
N ALA A 37 -8.18 -13.56 -1.73
CA ALA A 37 -6.74 -13.66 -1.49
C ALA A 37 -6.27 -12.58 -0.50
N GLU A 38 -7.18 -11.69 -0.11
CA GLU A 38 -6.86 -10.63 0.82
C GLU A 38 -6.36 -11.21 2.16
N PRO A 39 -5.17 -10.80 2.61
CA PRO A 39 -4.63 -11.30 3.88
C PRO A 39 -5.31 -10.76 5.13
N GLU A 40 -5.26 -11.55 6.20
CA GLU A 40 -5.85 -11.16 7.48
C GLU A 40 -5.13 -9.95 8.07
N LYS A 41 -5.83 -9.21 8.92
CA LYS A 41 -5.23 -8.05 9.57
C LYS A 41 -4.14 -8.52 10.51
N ILE A 42 -3.15 -7.66 10.72
CA ILE A 42 -2.02 -7.96 11.59
C ILE A 42 -1.93 -6.89 12.67
N TYR A 43 -1.49 -7.27 13.86
CA TYR A 43 -1.39 -6.31 14.97
C TYR A 43 -0.03 -5.62 15.06
N ALA A 44 -0.04 -4.37 15.49
CA ALA A 44 1.18 -3.60 15.64
C ALA A 44 1.91 -4.04 16.92
N MET A 45 1.14 -4.30 17.97
CA MET A 45 1.68 -4.71 19.26
C MET A 45 2.82 -3.83 19.78
N PRO A 46 2.52 -2.55 20.07
CA PRO A 46 3.59 -1.68 20.57
C PRO A 46 4.01 -2.16 21.97
N ASP A 47 5.29 -2.08 22.28
CA ASP A 47 5.79 -2.54 23.58
C ASP A 47 5.16 -1.78 24.74
N PRO A 48 4.40 -2.48 25.60
CA PRO A 48 3.75 -1.88 26.76
C PRO A 48 4.70 -1.39 27.85
N THR A 49 5.93 -1.90 27.83
CA THR A 49 6.92 -1.54 28.85
C THR A 49 7.76 -0.33 28.46
N VAL A 50 7.71 0.04 27.19
CA VAL A 50 8.49 1.17 26.67
C VAL A 50 7.72 2.50 26.73
N PRO A 51 8.40 3.56 27.22
CA PRO A 51 7.79 4.90 27.34
C PRO A 51 7.40 5.43 25.96
N ASP A 52 6.25 6.08 25.87
CA ASP A 52 5.83 6.62 24.58
C ASP A 52 6.81 7.70 24.14
N SER A 53 7.28 7.59 22.90
CA SER A 53 8.22 8.54 22.32
C SER A 53 8.18 8.42 20.80
N ASP A 54 8.91 9.29 20.13
CA ASP A 54 8.95 9.26 18.67
C ASP A 54 9.69 8.01 18.23
N ILE A 55 10.69 7.62 19.00
CA ILE A 55 11.47 6.43 18.68
C ILE A 55 10.64 5.15 18.85
N LYS A 56 9.74 5.15 19.82
CA LYS A 56 8.89 3.98 20.05
C LYS A 56 7.87 3.82 18.93
N ALA A 57 7.25 4.93 18.54
CA ALA A 57 6.24 4.90 17.49
C ALA A 57 6.87 4.43 16.18
N LEU A 58 7.97 5.06 15.79
CA LEU A 58 8.68 4.72 14.57
C LEU A 58 9.16 3.27 14.57
N THR A 59 9.60 2.78 15.73
CA THR A 59 10.06 1.41 15.84
C THR A 59 8.87 0.48 15.65
N THR A 60 7.71 0.87 16.17
CA THR A 60 6.51 0.06 16.06
C THR A 60 6.04 -0.03 14.61
N LEU A 61 6.06 1.11 13.92
CA LEU A 61 5.62 1.14 12.52
C LEU A 61 6.53 0.37 11.57
N CYS A 62 7.84 0.53 11.73
CA CYS A 62 8.80 -0.17 10.88
C CYS A 62 8.76 -1.67 11.16
N ASP A 63 8.41 -2.04 12.38
CA ASP A 63 8.31 -3.44 12.75
C ASP A 63 7.06 -4.00 12.08
N LEU A 64 5.97 -3.24 12.17
CA LEU A 64 4.70 -3.61 11.56
C LEU A 64 4.87 -3.76 10.04
N ALA A 65 5.51 -2.78 9.42
CA ALA A 65 5.73 -2.79 7.98
C ALA A 65 6.54 -4.02 7.57
N ASP A 66 7.59 -4.32 8.33
CA ASP A 66 8.42 -5.46 8.04
C ASP A 66 7.57 -6.73 7.98
N ARG A 67 6.68 -6.91 8.94
CA ARG A 67 5.82 -8.09 8.97
C ARG A 67 4.79 -8.07 7.85
N GLU A 68 4.31 -6.89 7.48
CA GLU A 68 3.33 -6.79 6.39
C GLU A 68 4.00 -7.16 5.07
N LEU A 69 5.21 -6.65 4.86
CA LEU A 69 5.96 -6.94 3.64
C LEU A 69 6.04 -8.43 3.41
N VAL A 70 6.16 -9.19 4.49
CA VAL A 70 6.22 -10.65 4.37
C VAL A 70 4.92 -11.19 3.79
N VAL A 71 3.77 -10.75 4.30
CA VAL A 71 2.49 -11.24 3.79
C VAL A 71 2.19 -10.68 2.40
N ILE A 72 2.75 -9.51 2.08
CA ILE A 72 2.52 -8.91 0.77
C ILE A 72 3.17 -9.76 -0.31
N ILE A 73 4.33 -10.35 0.01
CA ILE A 73 5.04 -11.20 -0.94
C ILE A 73 4.29 -12.52 -1.19
N GLY A 74 3.60 -13.01 -0.17
CA GLY A 74 2.84 -14.24 -0.33
C GLY A 74 1.53 -13.92 -1.06
N TRP A 75 1.04 -12.72 -0.83
CA TRP A 75 -0.19 -12.24 -1.45
C TRP A 75 -0.02 -12.08 -2.95
N ALA A 76 1.13 -11.53 -3.35
CA ALA A 76 1.42 -11.30 -4.77
C ALA A 76 1.38 -12.57 -5.63
N LYS A 77 1.71 -13.71 -5.02
CA LYS A 77 1.71 -14.96 -5.77
C LYS A 77 0.33 -15.28 -6.33
N HIS A 78 -0.71 -14.70 -5.71
CA HIS A 78 -2.09 -14.93 -6.14
C HIS A 78 -2.55 -14.04 -7.29
N ILE A 79 -1.75 -13.04 -7.63
CA ILE A 79 -2.09 -12.16 -8.74
C ILE A 79 -1.77 -12.91 -10.04
N PRO A 80 -2.80 -13.13 -10.89
CA PRO A 80 -2.65 -13.85 -12.16
C PRO A 80 -1.46 -13.39 -13.02
N GLY A 81 -0.55 -14.32 -13.29
CA GLY A 81 0.60 -14.01 -14.11
C GLY A 81 1.82 -13.50 -13.35
N PHE A 82 1.62 -13.01 -12.14
CA PHE A 82 2.74 -12.50 -11.36
C PHE A 82 3.83 -13.55 -11.11
N SER A 83 3.44 -14.74 -10.67
CA SER A 83 4.41 -15.79 -10.40
C SER A 83 5.15 -16.30 -11.65
N THR A 84 4.55 -16.10 -12.83
CA THR A 84 5.19 -16.54 -14.07
C THR A 84 6.34 -15.62 -14.47
N LEU A 85 6.30 -14.37 -14.01
CA LEU A 85 7.37 -13.42 -14.29
C LEU A 85 8.61 -14.01 -13.62
N SER A 86 9.79 -13.56 -14.02
CA SER A 86 11.03 -14.06 -13.42
C SER A 86 11.13 -13.58 -11.98
N LEU A 87 11.82 -14.35 -11.15
CA LEU A 87 11.99 -13.98 -9.74
C LEU A 87 12.51 -12.53 -9.70
N ALA A 88 13.44 -12.23 -10.60
CA ALA A 88 14.04 -10.90 -10.68
C ALA A 88 12.99 -9.81 -10.91
N ASP A 89 12.15 -10.00 -11.93
CA ASP A 89 11.11 -9.02 -12.24
C ASP A 89 10.10 -8.90 -11.09
N GLN A 90 9.72 -10.03 -10.51
CA GLN A 90 8.79 -10.02 -9.37
C GLN A 90 9.35 -9.13 -8.27
N MET A 91 10.63 -9.32 -7.96
CA MET A 91 11.29 -8.53 -6.93
C MET A 91 11.41 -7.07 -7.31
N SER A 92 11.61 -6.81 -8.60
CA SER A 92 11.72 -5.44 -9.07
C SER A 92 10.40 -4.72 -8.87
N LEU A 93 9.30 -5.38 -9.18
CA LEU A 93 7.98 -4.77 -9.01
C LEU A 93 7.70 -4.52 -7.53
N LEU A 94 8.00 -5.49 -6.68
CA LEU A 94 7.78 -5.34 -5.24
C LEU A 94 8.62 -4.24 -4.61
N GLN A 95 9.87 -4.13 -5.04
CA GLN A 95 10.77 -3.12 -4.50
C GLN A 95 10.39 -1.70 -4.88
N SER A 96 9.63 -1.56 -5.97
CA SER A 96 9.20 -0.24 -6.42
C SER A 96 7.83 0.13 -5.86
N ALA A 97 6.99 -0.87 -5.63
CA ALA A 97 5.64 -0.66 -5.14
C ALA A 97 5.33 -0.98 -3.68
N TRP A 98 6.28 -1.57 -2.97
CA TRP A 98 6.00 -1.96 -1.58
C TRP A 98 5.31 -0.91 -0.71
N MET A 99 5.81 0.32 -0.72
CA MET A 99 5.22 1.36 0.10
C MET A 99 3.81 1.78 -0.35
N GLU A 100 3.57 1.82 -1.66
CA GLU A 100 2.24 2.17 -2.17
C GLU A 100 1.23 1.15 -1.68
N ILE A 101 1.64 -0.11 -1.64
CA ILE A 101 0.79 -1.20 -1.18
C ILE A 101 0.52 -1.07 0.31
N LEU A 102 1.56 -0.73 1.07
CA LEU A 102 1.42 -0.54 2.50
C LEU A 102 0.49 0.63 2.77
N ILE A 103 0.67 1.71 2.02
CA ILE A 103 -0.15 2.90 2.21
C ILE A 103 -1.62 2.67 1.85
N LEU A 104 -1.89 1.96 0.77
CA LEU A 104 -3.27 1.69 0.40
C LEU A 104 -4.00 0.97 1.52
N GLY A 105 -3.28 0.06 2.19
CA GLY A 105 -3.87 -0.68 3.30
C GLY A 105 -4.30 0.25 4.42
N VAL A 106 -3.39 1.11 4.87
CA VAL A 106 -3.70 2.06 5.92
C VAL A 106 -4.89 2.92 5.51
N VAL A 107 -4.85 3.41 4.28
CA VAL A 107 -5.94 4.24 3.75
C VAL A 107 -7.30 3.56 3.81
N TYR A 108 -7.36 2.31 3.36
CA TYR A 108 -8.63 1.60 3.35
C TYR A 108 -9.14 1.32 4.76
N ARG A 109 -8.23 0.97 5.67
CA ARG A 109 -8.62 0.68 7.05
C ARG A 109 -9.07 1.94 7.78
N SER A 110 -8.83 3.10 7.16
CA SER A 110 -9.18 4.37 7.77
C SER A 110 -10.41 5.07 7.22
N LEU A 111 -10.96 4.53 6.13
CA LEU A 111 -12.11 5.14 5.48
C LEU A 111 -13.29 5.49 6.40
N SER A 112 -13.62 4.62 7.36
CA SER A 112 -14.75 4.92 8.25
C SER A 112 -14.34 5.70 9.51
N PHE A 113 -13.13 6.28 9.47
CA PHE A 113 -12.64 7.07 10.59
C PHE A 113 -12.45 8.51 10.16
N GLU A 114 -12.34 9.41 11.12
CA GLU A 114 -12.16 10.82 10.83
C GLU A 114 -10.84 11.35 11.35
N ASP A 115 -10.00 11.82 10.43
CA ASP A 115 -8.72 12.40 10.78
C ASP A 115 -7.81 11.45 11.56
N GLU A 116 -8.07 10.15 11.46
CA GLU A 116 -7.25 9.18 12.15
C GLU A 116 -6.81 8.09 11.18
N LEU A 117 -5.60 7.60 11.38
CA LEU A 117 -5.06 6.56 10.53
C LEU A 117 -4.96 5.23 11.26
N VAL A 118 -5.63 4.22 10.73
CA VAL A 118 -5.62 2.89 11.32
C VAL A 118 -4.47 2.05 10.74
N TYR A 119 -3.27 2.23 11.28
CA TYR A 119 -2.13 1.45 10.82
C TYR A 119 -2.40 0.00 11.18
N ALA A 120 -3.17 -0.19 12.24
CA ALA A 120 -3.56 -1.50 12.73
C ALA A 120 -4.67 -1.28 13.77
N ASP A 121 -5.44 -2.33 14.07
CA ASP A 121 -6.53 -2.18 15.04
C ASP A 121 -6.04 -1.68 16.38
N ASP A 122 -4.85 -2.10 16.76
CA ASP A 122 -4.26 -1.68 18.03
C ASP A 122 -3.25 -0.54 17.84
N TYR A 123 -3.34 0.17 16.72
CA TYR A 123 -2.44 1.28 16.47
C TYR A 123 -3.05 2.34 15.53
N ILE A 124 -3.93 3.16 16.10
CA ILE A 124 -4.62 4.21 15.39
C ILE A 124 -4.01 5.56 15.77
N MET A 125 -3.40 6.22 14.79
CA MET A 125 -2.75 7.51 15.03
C MET A 125 -3.59 8.74 14.71
N ASP A 126 -3.70 9.65 15.67
CA ASP A 126 -4.44 10.90 15.44
C ASP A 126 -3.39 11.99 15.25
N GLU A 127 -3.84 13.23 15.10
CA GLU A 127 -2.93 14.34 14.87
C GLU A 127 -1.79 14.47 15.88
N ASP A 128 -2.13 14.47 17.18
CA ASP A 128 -1.10 14.59 18.21
C ASP A 128 -0.04 13.49 18.09
N GLN A 129 -0.48 12.24 17.97
CA GLN A 129 0.47 11.14 17.85
C GLN A 129 1.37 11.34 16.64
N SER A 130 0.79 11.78 15.52
CA SER A 130 1.58 12.01 14.31
C SER A 130 2.64 13.06 14.60
N LYS A 131 2.24 14.15 15.27
CA LYS A 131 3.16 15.24 15.61
C LYS A 131 4.34 14.74 16.43
N LEU A 132 4.06 14.04 17.51
CA LEU A 132 5.13 13.55 18.37
C LEU A 132 5.97 12.46 17.72
N ALA A 133 5.45 11.84 16.67
CA ALA A 133 6.20 10.81 15.95
C ALA A 133 6.95 11.44 14.79
N GLY A 134 6.71 12.74 14.56
CA GLY A 134 7.36 13.44 13.47
C GLY A 134 6.81 13.00 12.12
N LEU A 135 5.54 12.64 12.10
CA LEU A 135 4.89 12.15 10.87
C LEU A 135 3.69 12.98 10.47
N LEU A 136 3.57 14.18 11.02
CA LEU A 136 2.44 15.04 10.71
C LEU A 136 2.24 15.25 9.20
N ASP A 137 3.29 15.65 8.50
CA ASP A 137 3.19 15.88 7.06
C ASP A 137 2.94 14.62 6.24
N LEU A 138 3.54 13.51 6.64
CA LEU A 138 3.35 12.25 5.93
C LEU A 138 1.92 11.74 6.14
N ASN A 139 1.49 11.74 7.40
CA ASN A 139 0.15 11.27 7.71
C ASN A 139 -0.93 12.19 7.15
N ASN A 140 -0.64 13.49 7.11
CA ASN A 140 -1.59 14.43 6.54
C ASN A 140 -1.76 14.11 5.05
N ALA A 141 -0.68 13.65 4.42
CA ALA A 141 -0.72 13.29 3.00
C ALA A 141 -1.57 12.03 2.81
N ILE A 142 -1.40 11.07 3.72
CA ILE A 142 -2.15 9.84 3.65
C ILE A 142 -3.63 10.16 3.90
N LEU A 143 -3.88 11.13 4.77
CA LEU A 143 -5.25 11.53 5.07
C LEU A 143 -5.88 12.20 3.84
N GLN A 144 -5.04 12.80 3.00
CA GLN A 144 -5.52 13.44 1.78
C GLN A 144 -6.02 12.31 0.88
N LEU A 145 -5.28 11.20 0.85
CA LEU A 145 -5.69 10.03 0.07
C LEU A 145 -7.03 9.53 0.62
N VAL A 146 -7.10 9.38 1.93
CA VAL A 146 -8.31 8.91 2.60
C VAL A 146 -9.52 9.78 2.23
N LYS A 147 -9.34 11.09 2.28
CA LYS A 147 -10.40 12.03 1.95
C LYS A 147 -10.93 11.78 0.54
N LYS A 148 -10.02 11.78 -0.44
CA LYS A 148 -10.45 11.56 -1.81
C LYS A 148 -11.20 10.24 -1.97
N TYR A 149 -10.69 9.16 -1.39
CA TYR A 149 -11.34 7.86 -1.48
C TYR A 149 -12.69 7.82 -0.76
N LYS A 150 -12.82 8.60 0.31
CA LYS A 150 -14.08 8.64 1.03
C LYS A 150 -15.18 9.18 0.12
N SER A 151 -14.92 10.33 -0.51
CA SER A 151 -15.90 10.95 -1.39
C SER A 151 -16.24 10.10 -2.60
N MET A 152 -15.33 9.22 -3.00
CA MET A 152 -15.57 8.34 -4.14
C MET A 152 -16.27 7.08 -3.65
N LYS A 153 -16.32 6.93 -2.34
CA LYS A 153 -16.94 5.76 -1.71
C LYS A 153 -16.24 4.49 -2.19
N LEU A 154 -14.91 4.49 -2.06
CA LEU A 154 -14.07 3.36 -2.45
C LEU A 154 -14.58 2.04 -1.83
N GLU A 155 -14.77 1.03 -2.66
CA GLU A 155 -15.25 -0.26 -2.18
C GLU A 155 -14.06 -1.20 -2.03
N LYS A 156 -14.25 -2.28 -1.28
CA LYS A 156 -13.16 -3.24 -1.07
C LYS A 156 -12.73 -3.90 -2.38
N GLU A 157 -13.67 -4.06 -3.30
CA GLU A 157 -13.38 -4.66 -4.60
C GLU A 157 -12.40 -3.78 -5.36
N GLU A 158 -12.61 -2.47 -5.28
CA GLU A 158 -11.78 -1.50 -5.97
C GLU A 158 -10.43 -1.36 -5.30
N PHE A 159 -10.44 -1.43 -3.97
CA PHE A 159 -9.23 -1.34 -3.15
C PHE A 159 -8.24 -2.45 -3.51
N VAL A 160 -8.71 -3.70 -3.52
CA VAL A 160 -7.81 -4.82 -3.82
C VAL A 160 -7.27 -4.79 -5.24
N THR A 161 -8.10 -4.30 -6.18
CA THR A 161 -7.70 -4.24 -7.57
C THR A 161 -6.65 -3.14 -7.73
N LEU A 162 -6.85 -2.02 -7.03
CA LEU A 162 -5.91 -0.91 -7.10
C LEU A 162 -4.53 -1.33 -6.57
N LYS A 163 -4.52 -2.12 -5.50
CA LYS A 163 -3.28 -2.63 -4.90
C LYS A 163 -2.51 -3.44 -5.92
N ALA A 164 -3.22 -4.36 -6.59
CA ALA A 164 -2.59 -5.20 -7.61
C ALA A 164 -2.09 -4.30 -8.75
N ILE A 165 -2.94 -3.36 -9.18
CA ILE A 165 -2.54 -2.47 -10.27
C ILE A 165 -1.31 -1.65 -9.89
N ALA A 166 -1.25 -1.20 -8.64
CA ALA A 166 -0.13 -0.41 -8.17
C ALA A 166 1.15 -1.23 -8.26
N LEU A 167 1.06 -2.52 -7.95
CA LEU A 167 2.23 -3.39 -8.03
C LEU A 167 2.68 -3.52 -9.48
N ALA A 168 1.74 -3.81 -10.36
CA ALA A 168 2.04 -3.98 -11.78
C ALA A 168 2.52 -2.73 -12.51
N ASN A 169 1.97 -1.57 -12.14
CA ASN A 169 2.33 -0.30 -12.77
C ASN A 169 3.39 0.46 -11.98
N SER A 170 4.21 -0.27 -11.22
CA SER A 170 5.26 0.30 -10.37
C SER A 170 6.34 1.15 -11.05
N ASP A 171 6.57 0.92 -12.34
CA ASP A 171 7.56 1.69 -13.10
C ASP A 171 9.00 1.41 -12.68
N SER A 172 9.30 0.15 -12.39
CA SER A 172 10.66 -0.22 -12.01
C SER A 172 11.60 0.04 -13.19
N MET A 173 12.80 0.48 -12.86
CA MET A 173 13.80 0.78 -13.86
C MET A 173 14.66 -0.43 -14.22
N HIS A 174 14.32 -1.60 -13.67
CA HIS A 174 15.09 -2.81 -13.93
C HIS A 174 14.27 -4.02 -14.40
N ILE A 175 13.26 -3.79 -15.23
CA ILE A 175 12.43 -4.90 -15.71
C ILE A 175 13.05 -5.62 -16.89
N GLU A 176 13.10 -6.95 -16.82
CA GLU A 176 13.66 -7.77 -17.88
C GLU A 176 12.65 -7.99 -19.01
N ASP A 177 11.45 -8.43 -18.64
CA ASP A 177 10.41 -8.69 -19.64
C ASP A 177 9.33 -7.61 -19.61
N VAL A 178 9.60 -6.49 -20.27
CA VAL A 178 8.67 -5.38 -20.33
C VAL A 178 7.29 -5.79 -20.86
N GLU A 179 7.26 -6.60 -21.92
CA GLU A 179 6.01 -7.05 -22.50
C GLU A 179 5.15 -7.82 -21.50
N ALA A 180 5.79 -8.66 -20.69
CA ALA A 180 5.06 -9.45 -19.71
C ALA A 180 4.45 -8.60 -18.62
N VAL A 181 5.18 -7.56 -18.20
CA VAL A 181 4.70 -6.68 -17.16
C VAL A 181 3.54 -5.83 -17.69
N GLN A 182 3.64 -5.42 -18.94
CA GLN A 182 2.57 -4.64 -19.55
C GLN A 182 1.34 -5.53 -19.67
N LYS A 183 1.56 -6.82 -19.90
CA LYS A 183 0.44 -7.75 -20.00
C LYS A 183 -0.25 -7.83 -18.64
N LEU A 184 0.56 -7.93 -17.58
CA LEU A 184 0.00 -8.01 -16.23
C LEU A 184 -0.81 -6.73 -15.94
N GLN A 185 -0.25 -5.58 -16.28
CA GLN A 185 -0.94 -4.31 -16.07
C GLN A 185 -2.26 -4.31 -16.81
N ASP A 186 -2.23 -4.84 -18.04
CA ASP A 186 -3.40 -4.90 -18.90
C ASP A 186 -4.49 -5.79 -18.31
N VAL A 187 -4.09 -6.99 -17.88
CA VAL A 187 -5.02 -7.95 -17.29
C VAL A 187 -5.78 -7.35 -16.11
N LEU A 188 -5.05 -6.65 -15.25
CA LEU A 188 -5.61 -6.03 -14.05
C LEU A 188 -6.43 -4.80 -14.40
N HIS A 189 -5.97 -4.04 -15.39
CA HIS A 189 -6.70 -2.85 -15.80
C HIS A 189 -8.08 -3.30 -16.32
N GLU A 190 -8.10 -4.39 -17.08
CA GLU A 190 -9.33 -4.93 -17.62
C GLU A 190 -10.30 -5.32 -16.51
N ALA A 191 -9.77 -5.94 -15.45
CA ALA A 191 -10.59 -6.36 -14.32
C ALA A 191 -11.33 -5.15 -13.74
N LEU A 192 -10.59 -4.09 -13.46
CA LEU A 192 -11.19 -2.87 -12.91
C LEU A 192 -12.23 -2.31 -13.85
N GLN A 193 -11.88 -2.29 -15.14
CA GLN A 193 -12.76 -1.78 -16.19
C GLN A 193 -14.06 -2.57 -16.23
N ASP A 194 -13.94 -3.89 -16.30
CA ASP A 194 -15.08 -4.79 -16.34
C ASP A 194 -15.90 -4.63 -15.06
N TYR A 195 -15.21 -4.49 -13.92
CA TYR A 195 -15.91 -4.33 -12.66
C TYR A 195 -16.78 -3.07 -12.67
N GLU A 196 -16.17 -1.95 -13.00
CA GLU A 196 -16.87 -0.67 -13.04
C GLU A 196 -18.00 -0.60 -14.06
N ALA A 197 -17.82 -1.26 -15.20
CA ALA A 197 -18.83 -1.25 -16.25
C ALA A 197 -20.07 -2.01 -15.78
N GLY A 198 -19.86 -3.06 -15.00
CA GLY A 198 -20.98 -3.85 -14.53
C GLY A 198 -21.58 -3.36 -13.24
N GLN A 199 -20.74 -2.91 -12.31
CA GLN A 199 -21.20 -2.45 -11.02
C GLN A 199 -21.61 -1.00 -10.92
N HIS A 200 -20.98 -0.15 -11.72
CA HIS A 200 -21.28 1.27 -11.66
C HIS A 200 -21.72 1.87 -12.99
N MET A 201 -22.91 1.47 -13.40
CA MET A 201 -23.49 1.94 -14.65
C MET A 201 -23.75 3.44 -14.59
N GLU A 202 -24.04 3.96 -13.39
CA GLU A 202 -24.32 5.38 -13.20
C GLU A 202 -23.18 6.31 -13.57
N ASP A 203 -21.96 5.78 -13.60
CA ASP A 203 -20.79 6.59 -13.94
C ASP A 203 -19.84 5.78 -14.82
N PRO A 204 -19.95 5.98 -16.15
CA PRO A 204 -19.12 5.28 -17.15
C PRO A 204 -17.67 5.72 -17.11
N ARG A 205 -17.34 6.64 -16.19
CA ARG A 205 -15.96 7.11 -16.08
C ARG A 205 -15.35 6.81 -14.71
N ARG A 206 -16.01 5.98 -13.91
CA ARG A 206 -15.50 5.64 -12.58
C ARG A 206 -14.14 4.94 -12.64
N ALA A 207 -13.95 3.97 -13.53
CA ALA A 207 -12.66 3.28 -13.64
C ALA A 207 -11.51 4.27 -13.80
N GLY A 208 -11.67 5.21 -14.72
CA GLY A 208 -10.65 6.21 -14.94
C GLY A 208 -10.38 7.02 -13.68
N LYS A 209 -11.43 7.38 -12.96
CA LYS A 209 -11.30 8.14 -11.74
C LYS A 209 -10.46 7.36 -10.73
N MET A 210 -10.68 6.05 -10.66
CA MET A 210 -9.91 5.21 -9.77
C MET A 210 -8.45 5.26 -10.20
N LEU A 211 -8.22 5.18 -11.51
CA LEU A 211 -6.86 5.24 -12.02
C LEU A 211 -6.18 6.59 -11.72
N MET A 212 -6.94 7.67 -11.79
CA MET A 212 -6.42 9.00 -11.53
C MET A 212 -6.07 9.29 -10.07
N THR A 213 -6.24 8.30 -9.19
CA THR A 213 -5.90 8.48 -7.78
C THR A 213 -4.51 7.91 -7.53
N LEU A 214 -3.98 7.19 -8.51
CA LEU A 214 -2.66 6.57 -8.40
C LEU A 214 -1.52 7.59 -8.28
N PRO A 215 -1.58 8.71 -9.00
CA PRO A 215 -0.50 9.70 -8.90
C PRO A 215 -0.27 10.15 -7.45
N LEU A 216 -1.34 10.40 -6.72
CA LEU A 216 -1.20 10.82 -5.32
C LEU A 216 -0.64 9.70 -4.45
N LEU A 217 -0.92 8.44 -4.81
CA LEU A 217 -0.41 7.30 -4.07
C LEU A 217 1.10 7.21 -4.31
N ARG A 218 1.51 7.33 -5.56
CA ARG A 218 2.93 7.28 -5.94
C ARG A 218 3.66 8.39 -5.20
N GLN A 219 3.09 9.59 -5.24
CA GLN A 219 3.67 10.76 -4.57
C GLN A 219 3.84 10.56 -3.06
N THR A 220 2.79 10.09 -2.40
CA THR A 220 2.81 9.87 -0.96
C THR A 220 3.79 8.76 -0.60
N SER A 221 3.86 7.73 -1.43
CA SER A 221 4.75 6.61 -1.20
C SER A 221 6.19 7.11 -1.23
N THR A 222 6.51 7.94 -2.22
CA THR A 222 7.85 8.50 -2.35
C THR A 222 8.24 9.30 -1.10
N LYS A 223 7.32 10.08 -0.57
CA LYS A 223 7.60 10.86 0.63
C LYS A 223 7.96 9.93 1.78
N ALA A 224 7.10 8.93 2.00
CA ALA A 224 7.30 7.94 3.06
C ALA A 224 8.65 7.23 2.95
N VAL A 225 9.01 6.78 1.75
CA VAL A 225 10.27 6.09 1.56
C VAL A 225 11.44 7.01 1.88
N GLN A 226 11.33 8.26 1.45
CA GLN A 226 12.39 9.24 1.69
C GLN A 226 12.54 9.52 3.19
N HIS A 227 11.43 9.78 3.85
CA HIS A 227 11.43 10.06 5.27
C HIS A 227 12.03 8.89 6.06
N PHE A 228 11.52 7.69 5.82
CA PHE A 228 12.02 6.51 6.51
C PHE A 228 13.46 6.17 6.13
N TYR A 229 13.93 6.69 5.01
CA TYR A 229 15.31 6.41 4.62
C TYR A 229 16.19 7.25 5.54
N ASN A 230 15.76 8.47 5.80
CA ASN A 230 16.49 9.38 6.67
C ASN A 230 16.50 8.84 8.09
N ILE A 231 15.42 8.14 8.46
CA ILE A 231 15.34 7.56 9.80
C ILE A 231 16.37 6.44 9.88
N LYS A 232 16.53 5.72 8.78
CA LYS A 232 17.51 4.64 8.73
C LYS A 232 18.91 5.20 8.91
N LEU A 233 19.19 6.32 8.25
CA LEU A 233 20.49 6.99 8.32
C LEU A 233 20.82 7.53 9.70
N GLU A 234 19.85 8.16 10.35
CA GLU A 234 20.05 8.71 11.69
C GLU A 234 20.36 7.59 12.67
N GLY A 235 20.17 6.35 12.22
CA GLY A 235 20.45 5.17 13.01
C GLY A 235 19.98 5.10 14.46
N LYS A 236 18.86 5.74 14.78
CA LYS A 236 18.35 5.69 16.15
C LYS A 236 17.06 4.87 16.25
N VAL A 237 16.74 4.16 15.18
CA VAL A 237 15.55 3.33 15.12
C VAL A 237 15.89 1.98 14.49
N PRO A 238 15.78 0.90 15.27
CA PRO A 238 16.09 -0.44 14.76
C PRO A 238 15.13 -0.83 13.65
N MET A 239 15.66 -1.44 12.59
CA MET A 239 14.84 -1.89 11.46
C MET A 239 15.22 -3.31 11.08
N HIS A 240 14.22 -4.12 10.75
CA HIS A 240 14.47 -5.50 10.37
C HIS A 240 14.92 -5.71 8.93
N LYS A 241 15.40 -6.93 8.68
CA LYS A 241 15.93 -7.36 7.40
C LYS A 241 15.14 -7.00 6.14
N LEU A 242 13.91 -7.52 6.03
CA LEU A 242 13.08 -7.26 4.86
C LEU A 242 12.76 -5.78 4.63
N PHE A 243 12.38 -5.09 5.70
CA PHE A 243 12.06 -3.68 5.62
C PHE A 243 13.26 -2.90 5.10
N LEU A 244 14.43 -3.23 5.64
CA LEU A 244 15.67 -2.57 5.26
C LEU A 244 16.04 -2.84 3.82
N GLU A 245 15.76 -4.07 3.36
CA GLU A 245 16.05 -4.46 1.99
C GLU A 245 15.22 -3.61 1.02
N MET A 246 13.94 -3.45 1.33
CA MET A 246 13.04 -2.67 0.49
C MET A 246 13.44 -1.21 0.53
N LEU A 247 13.71 -0.73 1.74
CA LEU A 247 14.09 0.67 1.97
C LEU A 247 15.43 1.01 1.34
N GLU A 248 16.24 0.01 1.05
CA GLU A 248 17.56 0.23 0.47
C GLU A 248 17.57 -0.09 -1.03
N ALA A 249 16.43 -0.55 -1.55
CA ALA A 249 16.30 -0.90 -2.96
C ALA A 249 16.90 0.16 -3.88
#